data_5C56
#
_entry.id   5C56
#
_cell.length_a   78.879
_cell.length_b   80.378
_cell.length_c   151.149
_cell.angle_alpha   90.000
_cell.angle_beta   90.000
_cell.angle_gamma   90.000
#
_symmetry.space_group_name_H-M   'P 21 21 21'
#
loop_
_entity.id
_entity.type
_entity.pdbx_description
1 polymer 'Ubiquitin E3 ligase ICP0'
2 polymer 'Ubiquitin carboxyl-terminal hydrolase 7'
3 water water
#
loop_
_entity_poly.entity_id
_entity_poly.type
_entity_poly.pdbx_seq_one_letter_code
_entity_poly.pdbx_strand_id
1 'polypeptide(L)' SGPRGPRKCARKTRHAETSGA B
2 'polypeptide(L)'
;GPLGSEAHLYMQVQIVAEDQFCGHQGNDMYDEEKVKYTVFKVLKNSSLAEFVQSLSQTMGFPQDQIRLWPMQARSNGTKR
PAMLDNEADGNKTMIELSDNENPWTIFLETVDPELAASGATLPKFDKDHDVMLFLKMYDPKTRSLNYCGHIYTPISCKIR
DLLPVMCDRAGFIQDTSLILYEEVKPNLTERIQDYDVSLDKALDELMDGDIIVFQKDDPENDNSELPTAKEYFRDLYHRV
DVIFCDKTIPNDPGFVVTLSNRMNYFQVAKTVAQRLNTDPMLLQFFKSQGYRDGPGNPLRHNYEGTLRDLLQFFKPRQPK
KLYYQQLKMKITDFENRRSFKCIWLNSQFREEEITLYPDKHGCVRDLLEECKKAVELGEKASGKLRLLEIVSYKIIGVHQ
EDELLECLSPATSRTFRIEEIPLDQVDIDKENEMLVTVAHFHKEVFGTFGIPFLLRIHQGEHFREVMKRIQSLLDIQEKE
FEKFKFAIVMMGRHQYINEDEYEVNLKDFEPQPGNMSHPRPWLGLDHFNKAPKRSRYTYLEKAIKIHN
;
A
#
# COMPACT_ATOMS: atom_id res chain seq x y z
N GLY A 5 44.33 28.75 19.27
CA GLY A 5 43.37 27.72 19.59
C GLY A 5 42.58 27.17 18.39
N PRO A 6 41.59 26.29 18.66
CA PRO A 6 40.65 25.75 17.66
C PRO A 6 39.94 26.86 16.87
N ARG A 7 39.64 26.61 15.60
CA ARG A 7 38.91 27.60 14.80
C ARG A 7 37.70 27.03 14.01
N LYS A 8 36.80 27.92 13.59
CA LYS A 8 35.76 27.62 12.63
C LYS A 8 36.29 27.35 11.22
N CYS A 9 35.53 26.60 10.42
CA CYS A 9 35.75 26.57 8.98
C CYS A 9 35.35 27.90 8.30
N ALA A 10 35.97 28.20 7.17
CA ALA A 10 35.72 29.45 6.46
C ALA A 10 34.49 29.37 5.55
N ARG A 11 34.36 28.20 4.93
CA ARG A 11 33.36 27.92 3.91
C ARG A 11 32.96 26.44 4.06
N LYS A 12 31.88 26.01 3.41
CA LYS A 12 31.46 24.61 3.47
C LYS A 12 31.93 23.82 2.24
N THR A 13 32.86 22.87 2.43
CA THR A 13 33.42 22.15 1.29
C THR A 13 32.81 20.76 1.01
N ARG A 14 32.03 20.22 1.93
CA ARG A 14 31.56 18.88 1.70
C ARG A 14 30.18 18.87 1.05
N HIS A 15 29.74 17.66 0.70
CA HIS A 15 28.38 17.37 0.26
C HIS A 15 27.72 18.33 -0.73
N ALA A 16 28.45 18.78 -1.75
CA ALA A 16 27.84 19.68 -2.76
C ALA A 16 26.88 18.92 -3.67
N GLU A 17 26.31 19.60 -4.67
CA GLU A 17 25.27 18.99 -5.49
C GLU A 17 25.59 18.98 -7.00
N PRO B 2 6.67 49.54 -15.07
CA PRO B 2 6.88 51.00 -15.04
C PRO B 2 7.90 51.38 -13.95
N LEU B 3 9.18 51.21 -14.25
CA LEU B 3 10.24 51.31 -13.25
C LEU B 3 10.66 52.73 -12.85
N GLY B 4 10.75 53.64 -13.81
CA GLY B 4 11.16 54.98 -13.42
C GLY B 4 12.66 55.08 -13.17
N SER B 5 13.15 56.31 -13.20
CA SER B 5 14.56 56.61 -13.48
C SER B 5 15.61 55.83 -12.67
N GLU B 6 15.51 55.91 -11.35
CA GLU B 6 16.56 55.43 -10.48
C GLU B 6 16.35 54.03 -9.86
N ALA B 7 15.31 53.32 -10.27
CA ALA B 7 14.97 52.03 -9.70
C ALA B 7 16.15 51.03 -9.69
N HIS B 8 17.10 51.23 -10.59
CA HIS B 8 18.24 50.33 -10.73
C HIS B 8 19.36 50.60 -9.71
N LEU B 9 19.25 51.68 -8.93
CA LEU B 9 20.23 51.88 -7.87
C LEU B 9 19.79 51.27 -6.54
N TYR B 10 18.63 50.64 -6.52
CA TYR B 10 18.08 50.11 -5.26
C TYR B 10 18.07 48.58 -5.21
N MET B 11 18.08 48.08 -3.99
CA MET B 11 17.96 46.66 -3.73
C MET B 11 16.99 46.42 -2.58
N GLN B 12 16.35 45.25 -2.59
CA GLN B 12 15.47 44.83 -1.52
C GLN B 12 16.26 44.10 -0.46
N VAL B 13 16.12 44.53 0.79
CA VAL B 13 16.70 43.81 1.90
C VAL B 13 15.57 43.19 2.69
N GLN B 14 15.58 41.88 2.88
CA GLN B 14 14.54 41.25 3.67
C GLN B 14 15.07 40.88 5.03
N ILE B 15 14.48 41.46 6.07
CA ILE B 15 14.84 41.12 7.43
C ILE B 15 13.89 40.08 8.01
N VAL B 16 14.47 39.02 8.57
CA VAL B 16 13.71 37.95 9.23
C VAL B 16 14.09 37.89 10.73
N ALA B 17 13.07 37.84 11.58
CA ALA B 17 13.23 37.81 13.02
C ALA B 17 13.09 36.37 13.57
N GLU B 18 13.79 36.07 14.65
CA GLU B 18 13.82 34.70 15.16
C GLU B 18 12.43 34.09 15.40
N ASP B 19 11.40 34.91 15.61
CA ASP B 19 10.07 34.36 15.87
C ASP B 19 9.56 33.62 14.64
N GLN B 20 10.12 33.96 13.48
CA GLN B 20 9.81 33.26 12.25
C GLN B 20 10.35 31.83 12.20
N PHE B 21 11.27 31.51 13.10
CA PHE B 21 11.86 30.17 13.16
C PHE B 21 11.02 29.21 14.04
N CYS B 22 10.23 29.80 14.93
CA CYS B 22 9.45 28.99 15.87
C CYS B 22 8.38 28.28 15.01
N GLY B 23 8.14 27.01 15.26
CA GLY B 23 7.19 26.24 14.47
C GLY B 23 7.66 25.50 13.21
N HIS B 24 8.75 25.97 12.59
CA HIS B 24 9.28 25.35 11.37
C HIS B 24 9.57 23.85 11.57
N GLN B 25 9.04 23.02 10.68
CA GLN B 25 9.28 21.57 10.68
C GLN B 25 10.24 21.08 9.62
N GLY B 26 10.81 21.99 8.83
CA GLY B 26 11.63 21.59 7.70
C GLY B 26 13.09 21.53 8.05
N ASN B 27 13.91 21.43 7.02
CA ASN B 27 15.32 21.73 7.14
C ASN B 27 15.55 23.23 7.24
N ASP B 28 16.74 23.58 7.70
CA ASP B 28 17.13 24.96 7.97
C ASP B 28 16.20 25.67 8.95
N MET B 29 16.01 26.99 8.83
CA MET B 29 15.28 27.71 9.88
C MET B 29 13.89 28.11 9.57
N TYR B 30 13.56 28.14 8.29
CA TYR B 30 12.24 28.57 7.89
C TYR B 30 11.94 28.07 6.51
N ASP B 31 10.65 28.03 6.18
CA ASP B 31 10.20 27.73 4.84
C ASP B 31 10.11 29.03 4.09
N GLU B 32 10.80 29.12 2.96
CA GLU B 32 10.79 30.35 2.17
C GLU B 32 9.38 30.80 1.75
N GLU B 33 8.46 29.86 1.57
CA GLU B 33 7.13 30.25 1.14
C GLU B 33 6.22 30.69 2.29
N LYS B 34 6.54 30.32 3.54
CA LYS B 34 5.76 30.81 4.69
C LYS B 34 6.41 31.95 5.49
N VAL B 35 7.65 32.33 5.18
CA VAL B 35 8.35 33.26 6.07
C VAL B 35 7.82 34.68 5.92
N LYS B 36 7.74 35.43 7.02
CA LYS B 36 7.29 36.81 6.95
C LYS B 36 8.42 37.75 7.26
N TYR B 37 8.65 38.62 6.29
CA TYR B 37 9.76 39.54 6.25
C TYR B 37 9.35 40.96 6.61
N THR B 38 10.27 41.71 7.19
CA THR B 38 10.20 43.17 7.16
C THR B 38 11.05 43.65 5.97
N VAL B 39 10.45 44.34 5.01
CA VAL B 39 11.16 44.67 3.76
C VAL B 39 11.67 46.11 3.69
N PHE B 40 12.94 46.27 3.30
CA PHE B 40 13.58 47.57 3.12
C PHE B 40 14.00 47.80 1.68
N LYS B 41 13.80 49.01 1.17
CA LYS B 41 14.33 49.37 -0.13
C LYS B 41 15.50 50.29 0.11
N VAL B 42 16.69 49.81 -0.22
CA VAL B 42 17.91 50.49 0.20
C VAL B 42 18.80 50.75 -1.01
N LEU B 43 19.51 51.87 -1.01
CA LEU B 43 20.50 52.14 -2.06
C LEU B 43 21.57 51.05 -2.08
N LYS B 44 21.85 50.51 -3.25
CA LYS B 44 22.86 49.49 -3.41
C LYS B 44 24.17 49.98 -2.85
N ASN B 45 24.46 51.27 -3.05
CA ASN B 45 25.76 51.82 -2.68
C ASN B 45 25.77 52.38 -1.27
N SER B 46 24.62 52.29 -0.59
CA SER B 46 24.50 52.70 0.81
C SER B 46 25.47 51.85 1.65
N SER B 47 25.84 52.32 2.83
CA SER B 47 26.85 51.60 3.60
C SER B 47 26.22 50.65 4.64
N LEU B 48 27.05 49.85 5.32
CA LEU B 48 26.52 48.97 6.34
C LEU B 48 26.12 49.72 7.61
N ALA B 49 26.92 50.67 8.06
CA ALA B 49 26.60 51.43 9.28
C ALA B 49 25.32 52.25 9.08
N GLU B 50 25.11 52.71 7.85
CA GLU B 50 23.92 53.47 7.53
C GLU B 50 22.70 52.60 7.74
N PHE B 51 22.71 51.42 7.10
CA PHE B 51 21.56 50.53 7.19
C PHE B 51 21.36 50.08 8.63
N VAL B 52 22.47 49.84 9.33
CA VAL B 52 22.40 49.34 10.70
C VAL B 52 21.72 50.34 11.63
N GLN B 53 22.22 51.58 11.63
CA GLN B 53 21.61 52.66 12.43
C GLN B 53 20.15 52.91 12.06
N SER B 54 19.89 52.99 10.74
CA SER B 54 18.55 53.23 10.25
C SER B 54 17.60 52.17 10.76
N LEU B 55 18.06 50.92 10.66
CA LEU B 55 17.33 49.73 11.09
C LEU B 55 17.08 49.74 12.59
N SER B 56 18.11 50.13 13.34
CA SER B 56 18.00 50.28 14.79
C SER B 56 16.84 51.19 15.13
N GLN B 57 16.89 52.41 14.61
CA GLN B 57 15.84 53.36 14.93
C GLN B 57 14.48 52.83 14.40
N THR B 58 14.45 52.32 13.17
CA THR B 58 13.21 51.79 12.58
C THR B 58 12.55 50.72 13.45
N MET B 59 13.36 49.85 14.04
CA MET B 59 12.89 48.63 14.72
C MET B 59 12.63 48.77 16.22
N GLY B 60 13.07 49.87 16.81
CA GLY B 60 12.91 50.07 18.23
C GLY B 60 13.88 49.27 19.08
N PHE B 61 15.16 49.30 18.71
CA PHE B 61 16.22 48.68 19.48
C PHE B 61 17.46 49.57 19.41
N PRO B 62 18.24 49.63 20.49
CA PRO B 62 19.56 50.25 20.42
C PRO B 62 20.44 49.58 19.38
N GLN B 63 21.28 50.35 18.71
CA GLN B 63 22.21 49.83 17.72
C GLN B 63 23.23 48.86 18.34
N ASP B 64 23.55 49.06 19.61
CA ASP B 64 24.53 48.23 20.32
C ASP B 64 23.96 46.83 20.58
N GLN B 65 22.63 46.76 20.62
CA GLN B 65 21.85 45.60 21.05
C GLN B 65 21.27 44.68 19.95
N ILE B 66 21.68 44.89 18.71
CA ILE B 66 21.23 44.03 17.63
C ILE B 66 22.41 43.42 16.91
N ARG B 67 22.19 42.27 16.28
CA ARG B 67 23.25 41.67 15.48
C ARG B 67 22.68 41.12 14.17
N LEU B 68 23.45 41.27 13.10
CA LEU B 68 23.01 40.94 11.77
C LEU B 68 23.73 39.72 11.24
N TRP B 69 22.93 38.74 10.81
CA TRP B 69 23.48 37.53 10.25
C TRP B 69 22.93 37.30 8.85
N PRO B 70 23.64 37.77 7.81
CA PRO B 70 23.12 37.64 6.45
C PRO B 70 22.84 36.18 6.10
N MET B 71 21.75 35.93 5.38
CA MET B 71 21.36 34.57 5.03
C MET B 71 22.09 34.15 3.76
N GLN B 72 22.67 32.96 3.78
CA GLN B 72 23.64 32.54 2.77
C GLN B 72 23.21 31.24 2.13
N ALA B 73 22.90 31.28 0.83
CA ALA B 73 22.52 30.09 0.06
C ALA B 73 23.76 29.37 -0.44
N ARG B 74 23.90 28.11 -0.07
CA ARG B 74 25.13 27.37 -0.27
C ARG B 74 24.95 26.22 -1.24
N SER B 75 26.05 25.82 -1.87
CA SER B 75 26.07 24.76 -2.87
C SER B 75 25.62 23.41 -2.32
N ASN B 76 25.61 23.27 -0.99
CA ASN B 76 25.27 21.99 -0.38
C ASN B 76 23.77 21.87 -0.15
N GLY B 77 22.99 22.83 -0.64
CA GLY B 77 21.54 22.75 -0.55
C GLY B 77 20.93 23.36 0.71
N THR B 78 21.64 24.28 1.34
CA THR B 78 21.12 24.91 2.55
C THR B 78 21.17 26.42 2.43
N LYS B 79 20.34 27.09 3.22
CA LYS B 79 20.41 28.54 3.37
C LYS B 79 20.56 28.74 4.87
N ARG B 80 21.62 29.43 5.26
CA ARG B 80 22.00 29.51 6.67
C ARG B 80 22.43 30.92 7.07
N PRO B 81 22.23 31.28 8.34
CA PRO B 81 22.69 32.60 8.76
C PRO B 81 24.21 32.64 8.76
N ALA B 82 24.78 33.75 8.32
CA ALA B 82 26.23 33.87 8.19
C ALA B 82 26.81 35.02 9.01
N MET B 83 28.09 34.91 9.30
CA MET B 83 28.77 35.89 10.12
C MET B 83 29.02 37.15 9.35
N LEU B 84 28.78 38.28 10.00
CA LEU B 84 29.14 39.58 9.47
C LEU B 84 29.85 40.45 10.54
N ASP B 85 31.10 40.83 10.32
CA ASP B 85 31.73 41.73 11.29
C ASP B 85 31.21 43.14 11.05
N ASN B 86 30.51 43.64 12.07
CA ASN B 86 29.68 44.84 12.02
C ASN B 86 30.51 46.12 11.88
N GLU B 87 31.76 46.03 12.32
CA GLU B 87 32.68 47.15 12.39
C GLU B 87 33.71 47.06 11.24
N ALA B 88 34.47 45.97 11.23
CA ALA B 88 35.48 45.70 10.20
C ALA B 88 34.96 45.95 8.78
N ASP B 89 33.80 45.39 8.48
CA ASP B 89 33.17 45.50 7.15
C ASP B 89 32.14 46.66 7.06
N GLY B 90 31.97 47.41 8.14
CA GLY B 90 30.92 48.41 8.26
C GLY B 90 30.85 49.53 7.22
N ASN B 91 31.97 49.79 6.55
CA ASN B 91 32.03 50.77 5.47
C ASN B 91 32.05 50.24 4.03
N LYS B 92 31.88 48.92 3.88
CA LYS B 92 31.63 48.33 2.55
C LYS B 92 30.15 48.53 2.18
N THR B 93 29.83 48.50 0.89
CA THR B 93 28.45 48.72 0.45
C THR B 93 27.47 47.53 0.56
N MET B 94 26.18 47.86 0.65
CA MET B 94 25.11 46.86 0.73
C MET B 94 25.17 45.86 -0.42
N ILE B 95 25.34 46.34 -1.64
CA ILE B 95 25.48 45.43 -2.77
C ILE B 95 26.78 44.59 -2.66
N GLU B 96 27.87 45.20 -2.19
CA GLU B 96 29.11 44.47 -1.95
C GLU B 96 28.85 43.30 -1.02
N LEU B 97 28.41 43.63 0.20
CA LEU B 97 28.30 42.67 1.29
C LEU B 97 27.42 41.48 0.97
N SER B 98 26.52 41.66 0.01
CA SER B 98 25.54 40.63 -0.37
C SER B 98 25.98 39.76 -1.56
N ASP B 99 27.14 40.09 -2.14
CA ASP B 99 27.63 39.43 -3.35
C ASP B 99 26.56 39.45 -4.42
N ASN B 100 25.95 40.62 -4.62
CA ASN B 100 24.96 40.83 -5.66
C ASN B 100 23.72 39.94 -5.58
N GLU B 101 23.30 39.56 -4.38
CA GLU B 101 22.01 38.89 -4.19
C GLU B 101 20.92 39.93 -3.95
N ASN B 102 19.95 39.96 -4.85
CA ASN B 102 18.85 40.91 -4.79
C ASN B 102 17.51 40.26 -5.10
N PRO B 103 16.72 39.90 -4.09
CA PRO B 103 16.77 40.30 -2.67
C PRO B 103 17.84 39.63 -1.80
N TRP B 104 18.13 40.31 -0.70
CA TRP B 104 19.15 39.90 0.25
C TRP B 104 18.45 39.63 1.59
N THR B 105 18.64 38.46 2.17
CA THR B 105 17.93 38.18 3.41
C THR B 105 18.90 38.19 4.57
N ILE B 106 18.47 38.83 5.65
CA ILE B 106 19.31 38.90 6.83
C ILE B 106 18.52 38.50 8.07
N PHE B 107 19.13 37.65 8.89
CA PHE B 107 18.58 37.29 10.19
C PHE B 107 19.00 38.35 11.22
N LEU B 108 17.99 38.94 11.83
CA LEU B 108 18.22 39.97 12.82
C LEU B 108 18.00 39.44 14.24
N GLU B 109 19.11 39.30 14.94
CA GLU B 109 19.10 38.95 16.35
C GLU B 109 18.87 40.19 17.21
N THR B 110 17.93 40.08 18.15
CA THR B 110 17.62 41.13 19.09
C THR B 110 17.46 40.55 20.51
N VAL B 111 17.10 41.37 21.48
CA VAL B 111 16.91 40.94 22.87
C VAL B 111 15.42 41.08 23.22
N ASP B 112 14.93 40.31 24.19
CA ASP B 112 13.52 39.85 24.26
C ASP B 112 12.32 40.80 23.93
N PRO B 113 12.32 42.10 24.33
CA PRO B 113 13.07 42.83 25.36
C PRO B 113 12.34 42.97 26.71
N GLU B 114 11.67 41.93 27.18
CA GLU B 114 11.16 41.95 28.55
C GLU B 114 12.29 41.49 29.45
N LEU B 115 13.14 40.64 28.86
CA LEU B 115 14.38 40.24 29.47
C LEU B 115 15.38 41.38 29.42
N ALA B 116 15.20 42.29 28.48
CA ALA B 116 16.06 43.48 28.37
C ALA B 116 15.67 44.56 29.39
N ALA B 117 14.40 44.57 29.78
CA ALA B 117 13.96 45.38 30.92
C ALA B 117 14.63 44.85 32.18
N SER B 118 14.75 43.53 32.24
CA SER B 118 15.33 42.82 33.37
C SER B 118 16.84 42.87 33.28
N GLY B 119 17.35 43.63 32.30
CA GLY B 119 18.75 44.01 32.25
C GLY B 119 19.65 43.34 31.22
N ALA B 120 19.21 42.22 30.65
CA ALA B 120 20.04 41.40 29.75
C ALA B 120 20.46 42.12 28.47
N THR B 121 21.57 41.67 27.89
CA THR B 121 22.17 42.33 26.75
C THR B 121 22.60 41.33 25.66
N LEU B 122 22.71 41.82 24.44
CA LEU B 122 23.32 41.06 23.36
C LEU B 122 24.70 40.57 23.82
N PRO B 123 24.90 39.25 23.78
CA PRO B 123 26.11 38.61 24.32
C PRO B 123 27.43 38.94 23.61
N LYS B 124 28.50 38.61 24.31
CA LYS B 124 29.86 38.64 23.82
C LYS B 124 29.98 37.84 22.53
N PHE B 125 30.44 38.43 21.44
CA PHE B 125 30.76 37.54 20.35
C PHE B 125 32.15 37.81 19.82
N ASP B 126 33.03 36.85 20.09
CA ASP B 126 34.36 36.89 19.56
C ASP B 126 34.32 36.12 18.25
N LYS B 127 34.42 36.82 17.13
CA LYS B 127 34.20 36.16 15.86
C LYS B 127 35.26 35.08 15.60
N ASP B 128 36.39 35.15 16.31
CA ASP B 128 37.41 34.12 16.15
C ASP B 128 37.29 32.88 17.05
N HIS B 129 37.00 33.08 18.33
CA HIS B 129 36.96 31.97 19.29
C HIS B 129 35.55 31.47 19.71
N ASP B 130 34.49 32.12 19.22
CA ASP B 130 33.13 31.68 19.56
C ASP B 130 32.35 31.14 18.35
N VAL B 131 31.18 30.59 18.64
CA VAL B 131 30.30 30.12 17.58
C VAL B 131 28.89 30.29 18.07
N MET B 132 28.04 30.73 17.17
CA MET B 132 26.60 30.69 17.41
C MET B 132 26.01 29.40 16.82
N LEU B 133 25.35 28.61 17.65
CA LEU B 133 24.66 27.40 17.16
C LEU B 133 23.13 27.46 17.31
N PHE B 134 22.43 26.88 16.34
CA PHE B 134 20.97 26.72 16.48
C PHE B 134 20.61 25.37 17.09
N LEU B 135 19.54 25.34 17.89
CA LEU B 135 19.14 24.14 18.59
C LEU B 135 17.68 23.80 18.27
N LYS B 136 17.45 22.56 17.84
CA LYS B 136 16.14 22.03 17.55
C LYS B 136 15.90 20.76 18.38
N MET B 137 14.73 20.64 19.02
CA MET B 137 14.49 19.42 19.75
C MET B 137 13.51 18.51 19.01
N TYR B 138 13.87 17.25 18.83
CA TYR B 138 12.96 16.35 18.11
C TYR B 138 12.18 15.50 19.09
N ASP B 139 10.84 15.56 18.97
CA ASP B 139 10.00 14.66 19.76
C ASP B 139 9.34 13.58 18.89
N PRO B 140 9.80 12.33 19.08
CA PRO B 140 9.35 11.14 18.34
C PRO B 140 7.86 10.81 18.56
N LYS B 141 7.32 11.12 19.74
CA LYS B 141 5.92 10.86 19.99
C LYS B 141 5.03 11.70 19.05
N THR B 142 5.26 13.01 19.00
CA THR B 142 4.44 13.85 18.12
C THR B 142 5.02 13.89 16.71
N ARG B 143 6.16 13.23 16.52
CA ARG B 143 6.99 13.34 15.31
C ARG B 143 7.23 14.78 14.85
N SER B 144 7.59 15.66 15.79
CA SER B 144 7.77 17.04 15.38
C SER B 144 9.11 17.66 15.84
N LEU B 145 9.45 18.80 15.22
CA LEU B 145 10.60 19.62 15.62
C LEU B 145 10.18 20.82 16.45
N ASN B 146 10.80 21.02 17.61
CA ASN B 146 10.57 22.20 18.42
C ASN B 146 11.76 23.17 18.43
N TYR B 147 11.57 24.37 17.91
CA TYR B 147 12.70 25.30 17.83
C TYR B 147 13.12 25.72 19.23
N CYS B 148 14.40 25.43 19.56
CA CYS B 148 14.95 25.78 20.87
C CYS B 148 15.83 27.01 20.92
N GLY B 149 15.86 27.79 19.85
CA GLY B 149 16.60 29.05 19.85
C GLY B 149 18.08 28.85 19.65
N HIS B 150 18.89 29.85 19.97
CA HIS B 150 20.32 29.74 19.67
C HIS B 150 21.21 29.94 20.88
N ILE B 151 22.45 29.53 20.77
CA ILE B 151 23.39 29.70 21.86
C ILE B 151 24.68 30.31 21.35
N TYR B 152 25.40 30.95 22.26
CA TYR B 152 26.76 31.32 21.96
C TYR B 152 27.67 30.50 22.82
N THR B 153 28.72 29.96 22.25
CA THR B 153 29.62 29.17 23.06
C THR B 153 31.05 29.29 22.51
N PRO B 154 32.06 29.20 23.40
CA PRO B 154 33.39 29.19 22.78
C PRO B 154 33.61 27.88 22.02
N ILE B 155 34.35 27.94 20.92
CA ILE B 155 34.59 26.78 20.07
C ILE B 155 35.18 25.61 20.83
N SER B 156 35.87 25.89 21.92
CA SER B 156 36.71 24.88 22.55
C SER B 156 35.94 24.17 23.63
N CYS B 157 34.76 24.71 23.93
CA CYS B 157 33.84 24.10 24.86
C CYS B 157 33.40 22.75 24.31
N LYS B 158 33.22 21.79 25.21
CA LYS B 158 32.93 20.43 24.80
C LYS B 158 31.41 20.20 24.75
N ILE B 159 30.98 19.37 23.80
CA ILE B 159 29.56 19.06 23.60
C ILE B 159 28.82 18.77 24.90
N ARG B 160 29.44 18.01 25.80
CA ARG B 160 28.83 17.67 27.08
C ARG B 160 28.34 18.88 27.87
N ASP B 161 28.98 20.02 27.67
CA ASP B 161 28.66 21.23 28.42
C ASP B 161 27.39 21.93 27.91
N LEU B 162 26.97 21.57 26.70
CA LEU B 162 25.75 22.13 26.12
C LEU B 162 24.49 21.36 26.56
N LEU B 163 24.67 20.16 27.11
CA LEU B 163 23.51 19.35 27.47
C LEU B 163 22.56 20.06 28.46
N PRO B 164 23.10 20.76 29.47
CA PRO B 164 22.07 21.33 30.37
C PRO B 164 21.25 22.46 29.74
N VAL B 165 21.82 23.17 28.78
CA VAL B 165 21.07 24.25 28.12
C VAL B 165 20.00 23.59 27.27
N MET B 166 20.38 22.54 26.53
CA MET B 166 19.43 21.77 25.73
C MET B 166 18.29 21.21 26.58
N CYS B 167 18.62 20.64 27.73
CA CYS B 167 17.59 20.10 28.61
C CYS B 167 16.68 21.19 29.11
N ASP B 168 17.26 22.34 29.40
CA ASP B 168 16.47 23.44 29.91
C ASP B 168 15.50 23.94 28.82
N ARG B 169 16.02 24.31 27.66
CA ARG B 169 15.20 24.87 26.59
C ARG B 169 14.07 23.92 26.18
N ALA B 170 14.24 22.62 26.45
CA ALA B 170 13.26 21.63 26.02
C ALA B 170 12.26 21.22 27.09
N GLY B 171 12.38 21.73 28.30
CA GLY B 171 11.49 21.28 29.37
C GLY B 171 11.86 19.92 29.93
N PHE B 172 13.11 19.51 29.79
CA PHE B 172 13.54 18.21 30.31
C PHE B 172 14.12 18.38 31.71
N ILE B 173 13.84 17.42 32.59
CA ILE B 173 14.47 17.39 33.91
C ILE B 173 15.97 17.24 33.72
N GLN B 174 16.76 17.97 34.51
CA GLN B 174 18.21 17.90 34.38
C GLN B 174 18.80 16.49 34.54
N ASP B 175 19.91 16.28 33.84
CA ASP B 175 20.61 14.99 33.76
C ASP B 175 19.76 13.94 33.04
N THR B 176 19.02 14.38 32.04
CA THR B 176 18.34 13.45 31.14
C THR B 176 19.24 13.12 29.96
N SER B 177 19.46 11.85 29.70
CA SER B 177 20.32 11.40 28.62
C SER B 177 19.77 11.73 27.24
N LEU B 178 20.63 12.21 26.35
CA LEU B 178 20.22 12.74 25.05
C LEU B 178 20.96 12.14 23.86
N ILE B 179 20.30 12.11 22.71
CA ILE B 179 20.98 11.81 21.47
C ILE B 179 21.05 13.10 20.67
N LEU B 180 22.28 13.46 20.27
CA LEU B 180 22.54 14.65 19.47
C LEU B 180 22.89 14.31 18.03
N TYR B 181 22.35 15.10 17.10
CA TYR B 181 22.62 14.99 15.68
C TYR B 181 23.00 16.34 15.16
N GLU B 182 23.72 16.37 14.05
CA GLU B 182 23.89 17.60 13.30
C GLU B 182 22.96 17.54 12.09
N GLU B 183 22.26 18.64 11.84
CA GLU B 183 21.50 18.67 10.60
C GLU B 183 22.45 19.28 9.58
N VAL B 184 22.96 18.45 8.69
CA VAL B 184 23.93 18.95 7.72
C VAL B 184 23.24 19.57 6.53
N LYS B 185 22.19 18.91 6.06
CA LYS B 185 21.49 19.27 4.83
C LYS B 185 20.31 18.32 4.65
N PRO B 186 19.40 18.64 3.71
CA PRO B 186 18.33 17.65 3.54
C PRO B 186 18.88 16.25 3.28
N ASN B 187 18.27 15.28 3.97
CA ASN B 187 18.58 13.86 3.89
C ASN B 187 19.96 13.52 4.39
N LEU B 188 20.55 14.41 5.18
CA LEU B 188 21.75 14.04 5.93
C LEU B 188 21.75 14.63 7.34
N THR B 189 21.58 13.73 8.30
CA THR B 189 21.55 14.05 9.72
C THR B 189 22.53 13.11 10.40
N GLU B 190 23.67 13.60 10.88
CA GLU B 190 24.67 12.66 11.37
C GLU B 190 24.79 12.72 12.88
N ARG B 191 24.65 11.56 13.51
CA ARG B 191 24.73 11.45 14.96
C ARG B 191 26.12 11.85 15.46
N ILE B 192 26.14 12.74 16.46
CA ILE B 192 27.36 13.13 17.14
C ILE B 192 27.78 12.06 18.17
N GLN B 193 28.90 11.37 17.92
CA GLN B 193 29.19 10.14 18.67
C GLN B 193 29.84 10.34 20.02
N ASP B 194 30.66 11.39 20.13
CA ASP B 194 31.45 11.67 21.31
C ASP B 194 31.10 13.07 21.86
N TYR B 195 30.59 13.13 23.09
CA TYR B 195 30.19 14.42 23.65
C TYR B 195 31.36 15.08 24.32
N ASP B 196 32.44 14.31 24.46
CA ASP B 196 33.56 14.78 25.25
C ASP B 196 34.64 15.46 24.42
N VAL B 197 34.39 15.65 23.13
CA VAL B 197 35.29 16.44 22.30
C VAL B 197 34.77 17.87 22.19
N SER B 198 35.53 18.76 21.57
CA SER B 198 35.10 20.14 21.50
C SER B 198 34.37 20.37 20.18
N LEU B 199 33.81 21.57 20.01
CA LEU B 199 32.87 21.80 18.91
C LEU B 199 33.47 21.66 17.53
N ASP B 200 34.76 21.92 17.41
CA ASP B 200 35.39 21.87 16.10
C ASP B 200 35.54 20.43 15.66
N LYS B 201 35.67 19.52 16.61
CA LYS B 201 35.81 18.09 16.30
C LYS B 201 34.44 17.43 16.14
N ALA B 202 33.49 17.82 16.99
CA ALA B 202 32.13 17.25 16.98
C ALA B 202 31.36 17.52 15.68
N LEU B 203 31.30 18.77 15.24
CA LEU B 203 30.55 19.07 14.04
C LEU B 203 31.38 18.87 12.78
N ASP B 204 30.70 18.54 11.68
CA ASP B 204 31.32 18.27 10.37
C ASP B 204 32.31 19.34 9.90
N GLU B 205 31.84 20.54 9.54
CA GLU B 205 32.73 21.69 9.33
C GLU B 205 32.21 22.95 10.04
N LEU B 206 32.75 23.24 11.22
CA LEU B 206 32.05 24.09 12.16
C LEU B 206 31.89 25.53 11.69
N MET B 207 30.63 26.00 11.60
CA MET B 207 30.38 27.40 11.25
C MET B 207 29.29 27.98 12.10
N ASP B 208 29.23 29.29 12.20
CA ASP B 208 28.07 29.89 12.82
C ASP B 208 26.86 29.48 11.98
N GLY B 209 25.76 29.18 12.65
CA GLY B 209 24.54 28.87 11.95
C GLY B 209 24.38 27.37 11.76
N ASP B 210 25.39 26.61 12.20
CA ASP B 210 25.28 25.17 12.24
C ASP B 210 24.11 24.78 13.16
N ILE B 211 23.51 23.63 12.88
CA ILE B 211 22.29 23.20 13.59
C ILE B 211 22.49 21.90 14.33
N ILE B 212 22.16 21.92 15.60
CA ILE B 212 22.13 20.70 16.38
C ILE B 212 20.70 20.32 16.70
N VAL B 213 20.35 19.08 16.35
CA VAL B 213 19.05 18.51 16.65
C VAL B 213 19.19 17.47 17.73
N PHE B 214 18.44 17.55 18.81
CA PHE B 214 18.62 16.54 19.87
C PHE B 214 17.29 15.92 20.33
N GLN B 215 17.36 14.81 21.04
CA GLN B 215 16.15 14.17 21.59
C GLN B 215 16.45 13.43 22.90
N LYS B 216 15.40 13.17 23.70
CA LYS B 216 15.53 12.28 24.85
C LYS B 216 16.00 10.94 24.33
N ASP B 217 16.93 10.29 25.02
CA ASP B 217 17.26 8.91 24.71
C ASP B 217 16.39 8.04 25.61
N ASP B 218 15.40 7.41 25.01
CA ASP B 218 14.31 6.80 25.75
C ASP B 218 13.85 5.56 25.02
N PRO B 219 13.51 4.47 25.75
CA PRO B 219 12.95 3.29 25.09
C PRO B 219 11.58 3.55 24.42
N GLU B 220 10.74 4.45 24.95
CA GLU B 220 9.45 4.73 24.27
C GLU B 220 9.63 5.32 22.88
N ASN B 221 10.83 5.76 22.54
CA ASN B 221 11.04 6.25 21.19
C ASN B 221 10.79 5.16 20.18
N ASP B 222 11.02 3.90 20.56
CA ASP B 222 10.87 2.83 19.59
C ASP B 222 9.41 2.61 19.23
N ASN B 223 8.49 3.19 20.02
CA ASN B 223 7.06 3.04 19.73
C ASN B 223 6.60 3.93 18.59
N SER B 224 7.39 4.94 18.30
CA SER B 224 7.04 5.91 17.28
C SER B 224 7.31 5.33 15.90
N GLU B 225 6.60 5.82 14.90
CA GLU B 225 6.89 5.46 13.53
C GLU B 225 8.28 6.03 13.10
N LEU B 226 8.65 7.17 13.67
CA LEU B 226 9.95 7.78 13.36
C LEU B 226 10.74 8.00 14.64
N PRO B 227 11.45 6.96 15.10
CA PRO B 227 12.08 6.97 16.43
C PRO B 227 13.24 7.97 16.61
N THR B 228 13.94 8.33 15.55
CA THR B 228 15.06 9.30 15.66
C THR B 228 14.96 10.43 14.66
N ALA B 229 15.72 11.48 14.90
CA ALA B 229 15.64 12.65 14.03
C ALA B 229 16.19 12.29 12.65
N LYS B 230 17.17 11.39 12.61
CA LYS B 230 17.74 10.88 11.37
C LYS B 230 16.62 10.28 10.51
N GLU B 231 15.79 9.47 11.14
CA GLU B 231 14.67 8.86 10.43
C GLU B 231 13.67 9.91 10.07
N TYR B 232 13.31 10.78 11.02
CA TYR B 232 12.36 11.85 10.73
C TYR B 232 12.75 12.64 9.48
N PHE B 233 14.03 12.98 9.35
CA PHE B 233 14.46 13.82 8.24
C PHE B 233 14.55 13.06 6.94
N ARG B 234 14.90 11.77 6.99
CA ARG B 234 14.84 10.97 5.77
C ARG B 234 13.38 10.90 5.28
N ASP B 235 12.47 10.69 6.22
CA ASP B 235 11.07 10.67 5.87
C ASP B 235 10.62 11.97 5.21
N LEU B 236 10.79 13.10 5.89
CA LEU B 236 10.40 14.41 5.33
C LEU B 236 11.04 14.68 3.97
N TYR B 237 12.33 14.38 3.83
CA TYR B 237 12.96 14.49 2.50
C TYR B 237 12.18 13.72 1.43
N HIS B 238 11.70 12.52 1.73
CA HIS B 238 11.05 11.74 0.68
C HIS B 238 9.50 11.89 0.60
N ARG B 239 8.91 12.78 1.39
CA ARG B 239 7.46 12.90 1.45
C ARG B 239 6.82 13.24 0.10
N VAL B 240 5.69 12.60 -0.18
CA VAL B 240 4.90 12.76 -1.39
C VAL B 240 3.41 12.63 -1.04
N ASP B 241 2.58 13.51 -1.58
CA ASP B 241 1.15 13.44 -1.36
C ASP B 241 0.52 12.64 -2.48
N VAL B 242 -0.35 11.72 -2.09
CA VAL B 242 -1.00 10.84 -3.05
C VAL B 242 -2.50 10.76 -2.78
N ILE B 243 -3.29 10.99 -3.84
CA ILE B 243 -4.74 10.82 -3.77
C ILE B 243 -5.13 9.36 -3.98
N PHE B 244 -5.82 8.78 -3.01
CA PHE B 244 -6.40 7.46 -3.19
C PHE B 244 -7.92 7.54 -3.50
N CYS B 245 -8.35 6.78 -4.51
CA CYS B 245 -9.79 6.63 -4.87
C CYS B 245 -10.27 5.18 -4.78
N ASP B 246 -11.51 4.99 -4.31
CA ASP B 246 -12.14 3.67 -4.40
C ASP B 246 -12.56 3.42 -5.85
N LYS B 247 -12.10 2.28 -6.38
CA LYS B 247 -12.34 1.87 -7.77
C LYS B 247 -13.82 1.58 -7.98
N THR B 248 -14.41 0.85 -7.01
CA THR B 248 -15.82 0.46 -7.07
C THR B 248 -16.74 1.67 -7.09
N ILE B 249 -16.45 2.67 -6.27
CA ILE B 249 -17.26 3.87 -6.20
C ILE B 249 -16.97 4.82 -7.35
N PRO B 250 -17.95 5.04 -8.23
CA PRO B 250 -17.78 5.89 -9.42
C PRO B 250 -17.32 7.30 -9.08
N ASN B 251 -16.56 7.93 -9.97
CA ASN B 251 -16.37 9.39 -10.01
C ASN B 251 -15.76 9.99 -8.72
N ASP B 252 -15.58 9.14 -7.70
CA ASP B 252 -15.07 9.53 -6.39
C ASP B 252 -13.81 10.39 -6.49
N PRO B 253 -13.85 11.60 -5.88
CA PRO B 253 -12.73 12.57 -5.87
C PRO B 253 -11.55 12.04 -5.07
N GLY B 254 -11.84 11.34 -3.97
CA GLY B 254 -10.84 10.60 -3.23
C GLY B 254 -10.32 11.34 -2.02
N PHE B 255 -9.31 10.78 -1.37
CA PHE B 255 -8.69 11.49 -0.25
C PHE B 255 -7.16 11.49 -0.32
N VAL B 256 -6.56 12.58 0.16
CA VAL B 256 -5.12 12.77 0.11
C VAL B 256 -4.44 12.15 1.32
N VAL B 257 -3.41 11.37 1.07
CA VAL B 257 -2.62 10.77 2.14
C VAL B 257 -1.17 11.19 1.95
N THR B 258 -0.49 11.48 3.06
CA THR B 258 0.91 11.88 2.97
C THR B 258 1.76 10.65 3.23
N LEU B 259 2.64 10.37 2.27
CA LEU B 259 3.43 9.16 2.27
C LEU B 259 4.91 9.46 1.98
N SER B 260 5.76 8.44 1.91
CA SER B 260 7.15 8.64 1.54
C SER B 260 7.48 7.79 0.33
N ASN B 261 8.29 8.32 -0.60
CA ASN B 261 8.68 7.56 -1.80
C ASN B 261 9.40 6.25 -1.46
N ARG B 262 9.88 6.11 -0.24
CA ARG B 262 10.72 4.97 0.09
C ARG B 262 9.88 3.88 0.72
N MET B 263 8.59 4.14 0.89
CA MET B 263 7.68 3.15 1.48
C MET B 263 7.49 1.91 0.61
N ASN B 264 7.35 0.77 1.27
CA ASN B 264 7.05 -0.49 0.62
C ASN B 264 5.55 -0.79 0.72
N TYR B 265 5.13 -1.94 0.19
CA TYR B 265 3.71 -2.28 0.13
C TYR B 265 3.05 -2.20 1.49
N PHE B 266 3.61 -2.92 2.46
CA PHE B 266 3.11 -2.96 3.83
C PHE B 266 2.86 -1.56 4.41
N GLN B 267 3.88 -0.70 4.36
CA GLN B 267 3.78 0.64 4.95
C GLN B 267 2.61 1.45 4.34
N VAL B 268 2.52 1.45 3.01
CA VAL B 268 1.46 2.15 2.30
C VAL B 268 0.11 1.65 2.76
N ALA B 269 -0.03 0.32 2.73
CA ALA B 269 -1.25 -0.34 3.15
C ALA B 269 -1.65 0.13 4.53
N LYS B 270 -0.73 0.03 5.49
CA LYS B 270 -0.97 0.49 6.86
C LYS B 270 -1.54 1.91 6.91
N THR B 271 -0.86 2.86 6.24
CA THR B 271 -1.33 4.25 6.30
C THR B 271 -2.76 4.41 5.73
N VAL B 272 -2.96 3.92 4.50
CA VAL B 272 -4.29 4.07 3.87
C VAL B 272 -5.38 3.33 4.67
N ALA B 273 -5.04 2.14 5.16
CA ALA B 273 -5.93 1.34 6.00
C ALA B 273 -6.35 2.06 7.28
N GLN B 274 -5.45 2.90 7.80
CA GLN B 274 -5.77 3.70 8.98
C GLN B 274 -6.73 4.81 8.62
N ARG B 275 -6.45 5.55 7.54
CA ARG B 275 -7.36 6.65 7.23
C ARG B 275 -8.79 6.18 6.91
N LEU B 276 -8.97 4.88 6.59
CA LEU B 276 -10.29 4.28 6.36
C LEU B 276 -10.85 3.50 7.55
N ASN B 277 -10.07 3.41 8.63
CA ASN B 277 -10.43 2.63 9.81
C ASN B 277 -10.76 1.17 9.47
N THR B 278 -9.71 0.39 9.19
CA THR B 278 -9.87 -1.01 8.73
C THR B 278 -8.53 -1.74 8.60
N ASP B 279 -8.61 -3.05 8.45
CA ASP B 279 -7.44 -3.91 8.29
C ASP B 279 -6.77 -3.65 6.93
N PRO B 280 -5.45 -3.38 6.93
CA PRO B 280 -4.74 -3.28 5.64
C PRO B 280 -4.78 -4.58 4.82
N MET B 281 -4.88 -5.73 5.49
CA MET B 281 -5.04 -7.01 4.82
C MET B 281 -6.37 -7.11 4.03
N LEU B 282 -7.28 -6.18 4.29
CA LEU B 282 -8.59 -6.13 3.63
C LEU B 282 -8.62 -5.20 2.43
N LEU B 283 -7.46 -4.75 1.99
CA LEU B 283 -7.43 -3.88 0.82
C LEU B 283 -6.69 -4.51 -0.34
N GLN B 284 -7.10 -4.12 -1.54
CA GLN B 284 -6.33 -4.45 -2.73
C GLN B 284 -6.00 -3.13 -3.42
N PHE B 285 -4.80 -3.02 -3.97
CA PHE B 285 -4.38 -1.77 -4.62
C PHE B 285 -4.13 -1.98 -6.11
N PHE B 286 -4.13 -0.89 -6.86
CA PHE B 286 -3.93 -0.98 -8.29
C PHE B 286 -2.78 -0.10 -8.77
N LYS B 287 -1.99 -0.61 -9.71
CA LYS B 287 -1.00 0.20 -10.39
C LYS B 287 -1.67 1.23 -11.31
N SER B 288 -0.86 1.95 -12.09
CA SER B 288 -1.31 3.01 -13.00
C SER B 288 -1.33 2.53 -14.44
N GLN B 289 -2.19 3.16 -15.24
CA GLN B 289 -2.26 2.88 -16.66
C GLN B 289 -1.29 3.71 -17.50
N GLY B 290 -0.36 4.41 -16.86
CA GLY B 290 0.47 5.40 -17.53
C GLY B 290 -0.27 6.72 -17.78
N TYR B 291 -0.32 7.18 -19.03
CA TYR B 291 -0.92 8.50 -19.27
C TYR B 291 -2.45 8.50 -19.05
N ARG B 292 -3.16 7.39 -19.22
CA ARG B 292 -4.60 7.50 -18.92
C ARG B 292 -4.89 7.48 -17.41
N ASP B 293 -5.81 8.33 -16.96
CA ASP B 293 -6.31 8.28 -15.59
C ASP B 293 -7.10 6.98 -15.40
N GLY B 294 -7.23 6.51 -14.16
CA GLY B 294 -7.95 5.27 -13.88
C GLY B 294 -7.10 4.08 -13.44
N PRO B 295 -7.75 3.03 -12.93
CA PRO B 295 -7.10 1.86 -12.35
C PRO B 295 -6.39 0.99 -13.38
N GLY B 296 -5.17 0.57 -13.08
CA GLY B 296 -4.47 -0.44 -13.86
C GLY B 296 -4.50 -1.81 -13.18
N ASN B 297 -3.47 -2.60 -13.40
CA ASN B 297 -3.42 -3.97 -12.94
C ASN B 297 -3.26 -4.10 -11.43
N PRO B 298 -3.93 -5.09 -10.83
CA PRO B 298 -3.87 -5.40 -9.40
C PRO B 298 -2.43 -5.60 -8.89
N LEU B 299 -2.17 -5.04 -7.72
CA LEU B 299 -0.86 -5.07 -7.12
C LEU B 299 -0.77 -6.20 -6.10
N ARG B 300 0.05 -7.21 -6.39
CA ARG B 300 0.17 -8.38 -5.53
C ARG B 300 0.53 -7.98 -4.11
N HIS B 301 0.04 -8.74 -3.13
CA HIS B 301 0.23 -8.44 -1.71
C HIS B 301 1.72 -8.45 -1.33
N ASN B 302 2.47 -9.23 -2.08
CA ASN B 302 3.89 -9.47 -1.84
C ASN B 302 4.80 -8.61 -2.73
N TYR B 303 4.24 -7.57 -3.35
CA TYR B 303 5.00 -6.65 -4.22
C TYR B 303 6.28 -6.21 -3.56
N GLU B 304 7.37 -6.26 -4.32
CA GLU B 304 8.70 -6.00 -3.76
C GLU B 304 9.22 -4.56 -3.91
N GLY B 305 8.52 -3.74 -4.70
CA GLY B 305 9.06 -2.44 -5.05
C GLY B 305 8.78 -1.37 -4.02
N THR B 306 8.83 -0.12 -4.46
CA THR B 306 8.59 1.02 -3.57
C THR B 306 7.46 1.89 -4.11
N LEU B 307 6.89 2.74 -3.28
CA LEU B 307 5.93 3.74 -3.75
C LEU B 307 6.49 4.61 -4.90
N ARG B 308 7.80 4.85 -4.90
CA ARG B 308 8.39 5.60 -5.99
C ARG B 308 8.21 4.83 -7.32
N ASP B 309 8.50 3.54 -7.31
CA ASP B 309 8.28 2.66 -8.48
C ASP B 309 6.85 2.76 -9.01
N LEU B 310 5.89 2.75 -8.09
CA LEU B 310 4.48 2.86 -8.43
C LEU B 310 4.09 4.22 -8.95
N LEU B 311 4.82 5.27 -8.56
CA LEU B 311 4.45 6.64 -8.92
C LEU B 311 5.27 7.20 -10.08
N GLN B 312 6.12 6.38 -10.67
CA GLN B 312 7.11 6.89 -11.61
C GLN B 312 6.54 7.41 -12.92
N PHE B 313 5.28 7.12 -13.20
CA PHE B 313 4.69 7.44 -14.52
C PHE B 313 3.90 8.73 -14.53
N PHE B 314 3.87 9.42 -13.40
CA PHE B 314 3.26 10.75 -13.37
C PHE B 314 4.27 11.79 -13.85
N LYS B 315 3.77 12.75 -14.62
CA LYS B 315 4.58 13.74 -15.33
C LYS B 315 4.98 14.79 -14.29
N PRO B 316 5.72 15.84 -14.70
CA PRO B 316 6.12 16.79 -13.66
C PRO B 316 5.01 17.34 -12.74
N ARG B 317 3.90 17.84 -13.28
CA ARG B 317 2.93 18.46 -12.39
C ARG B 317 1.57 17.81 -12.01
N GLN B 318 1.20 16.61 -12.49
CA GLN B 318 -0.16 16.12 -12.17
C GLN B 318 -0.37 15.67 -10.74
N PRO B 319 -1.64 15.63 -10.30
CA PRO B 319 -1.96 14.94 -9.06
C PRO B 319 -1.58 13.47 -9.16
N LYS B 320 -0.87 12.96 -8.16
CA LYS B 320 -0.51 11.57 -8.14
C LYS B 320 -1.64 10.81 -7.45
N LYS B 321 -2.14 9.78 -8.12
CA LYS B 321 -3.41 9.16 -7.77
C LYS B 321 -3.32 7.64 -7.90
N LEU B 322 -3.72 6.93 -6.85
CA LEU B 322 -3.78 5.47 -6.89
C LEU B 322 -5.18 4.98 -6.54
N TYR B 323 -5.56 3.85 -7.13
CA TYR B 323 -6.89 3.32 -6.88
C TYR B 323 -6.77 2.12 -5.97
N TYR B 324 -7.77 1.92 -5.12
CA TYR B 324 -7.81 0.72 -4.31
C TYR B 324 -9.24 0.19 -4.32
N GLN B 325 -9.43 -0.94 -3.67
CA GLN B 325 -10.74 -1.56 -3.56
C GLN B 325 -10.74 -2.14 -2.18
N GLN B 326 -11.87 -1.99 -1.48
CA GLN B 326 -11.99 -2.57 -0.16
C GLN B 326 -12.48 -3.99 -0.32
N LEU B 327 -11.99 -4.89 0.50
CA LEU B 327 -12.28 -6.31 0.31
C LEU B 327 -13.08 -6.90 1.45
N LYS B 328 -14.14 -7.60 1.08
CA LYS B 328 -14.92 -8.41 2.00
C LYS B 328 -14.03 -9.47 2.72
N MET B 329 -12.96 -9.92 2.06
CA MET B 329 -12.04 -10.88 2.69
C MET B 329 -10.55 -10.48 2.65
N LYS B 330 -9.72 -11.39 3.18
CA LYS B 330 -8.30 -11.21 3.36
C LYS B 330 -7.55 -11.45 2.03
N ILE B 331 -6.60 -10.58 1.73
CA ILE B 331 -6.06 -10.48 0.36
C ILE B 331 -5.21 -11.66 -0.10
N THR B 332 -4.53 -12.34 0.82
CA THR B 332 -3.75 -13.52 0.43
C THR B 332 -4.72 -14.63 0.01
N ASP B 333 -5.90 -14.64 0.63
CA ASP B 333 -6.92 -15.60 0.28
C ASP B 333 -7.63 -15.16 -1.01
N PHE B 334 -7.99 -13.88 -1.09
CA PHE B 334 -8.62 -13.32 -2.29
C PHE B 334 -7.81 -13.61 -3.55
N GLU B 335 -6.49 -13.51 -3.45
CA GLU B 335 -5.62 -13.72 -4.60
C GLU B 335 -5.64 -15.17 -5.06
N ASN B 336 -5.63 -16.09 -4.09
CA ASN B 336 -5.58 -17.52 -4.37
C ASN B 336 -6.97 -18.15 -4.64
N ARG B 337 -8.01 -17.32 -4.62
CA ARG B 337 -9.36 -17.79 -4.79
C ARG B 337 -9.74 -18.15 -6.22
N ARG B 338 -10.16 -19.39 -6.44
CA ARG B 338 -10.59 -19.83 -7.77
C ARG B 338 -12.12 -19.93 -7.92
N SER B 339 -12.66 -19.40 -9.00
CA SER B 339 -14.12 -19.37 -9.14
C SER B 339 -14.59 -20.50 -10.04
N PHE B 340 -15.21 -21.51 -9.41
CA PHE B 340 -15.59 -22.75 -10.07
C PHE B 340 -17.09 -22.78 -10.39
N LYS B 341 -17.42 -22.66 -11.67
CA LYS B 341 -18.83 -22.56 -12.09
C LYS B 341 -19.37 -23.93 -12.51
N CYS B 342 -20.46 -24.35 -11.90
CA CYS B 342 -21.04 -25.61 -12.31
C CYS B 342 -22.54 -25.62 -12.09
N ILE B 343 -23.15 -26.80 -12.25
CA ILE B 343 -24.59 -26.96 -12.13
C ILE B 343 -24.95 -27.63 -10.84
N TRP B 344 -25.78 -27.04 -10.00
CA TRP B 344 -26.42 -27.81 -8.93
C TRP B 344 -27.65 -28.51 -9.50
N LEU B 345 -27.80 -29.79 -9.18
CA LEU B 345 -29.00 -30.54 -9.54
C LEU B 345 -29.77 -30.96 -8.30
N ASN B 346 -30.90 -30.29 -8.06
CA ASN B 346 -31.69 -30.49 -6.85
C ASN B 346 -32.64 -31.70 -6.90
N SER B 347 -33.35 -31.90 -5.79
CA SER B 347 -34.25 -33.03 -5.56
C SER B 347 -35.38 -33.10 -6.58
N GLN B 348 -35.66 -31.98 -7.21
CA GLN B 348 -36.75 -31.89 -8.19
C GLN B 348 -36.25 -32.22 -9.59
N PHE B 349 -34.99 -32.63 -9.67
CA PHE B 349 -34.36 -32.98 -10.93
C PHE B 349 -34.33 -31.77 -11.91
N ARG B 350 -33.99 -30.60 -11.36
CA ARG B 350 -33.84 -29.37 -12.14
C ARG B 350 -32.48 -28.72 -11.91
N GLU B 351 -32.02 -27.94 -12.88
CA GLU B 351 -30.67 -27.40 -12.84
C GLU B 351 -30.59 -25.93 -12.45
N GLU B 352 -29.73 -25.60 -11.49
CA GLU B 352 -29.47 -24.23 -11.11
C GLU B 352 -27.99 -23.93 -11.36
N GLU B 353 -27.66 -22.70 -11.75
CA GLU B 353 -26.27 -22.34 -11.98
C GLU B 353 -25.64 -21.86 -10.70
N ILE B 354 -24.53 -22.47 -10.30
CA ILE B 354 -23.86 -22.04 -9.08
C ILE B 354 -22.36 -21.85 -9.26
N THR B 355 -21.82 -20.84 -8.59
CA THR B 355 -20.39 -20.59 -8.61
C THR B 355 -19.82 -20.75 -7.20
N LEU B 356 -18.92 -21.72 -7.03
CA LEU B 356 -18.36 -22.02 -5.72
C LEU B 356 -16.91 -21.57 -5.70
N TYR B 357 -16.36 -21.23 -4.53
CA TYR B 357 -14.98 -20.75 -4.42
C TYR B 357 -14.17 -21.55 -3.41
N PRO B 358 -13.70 -22.76 -3.80
CA PRO B 358 -12.73 -23.45 -2.92
C PRO B 358 -11.33 -22.90 -3.14
N ASP B 359 -10.36 -23.39 -2.38
CA ASP B 359 -8.99 -22.98 -2.63
C ASP B 359 -8.51 -23.73 -3.87
N LYS B 360 -7.79 -23.04 -4.75
CA LYS B 360 -7.34 -23.64 -5.99
C LYS B 360 -6.42 -24.84 -5.79
N HIS B 361 -5.85 -24.99 -4.59
CA HIS B 361 -5.00 -26.15 -4.32
C HIS B 361 -5.83 -27.27 -3.71
N GLY B 362 -7.12 -27.00 -3.56
CA GLY B 362 -8.01 -27.94 -2.91
C GLY B 362 -8.31 -29.19 -3.71
N CYS B 363 -9.28 -29.97 -3.24
CA CYS B 363 -9.72 -31.19 -3.90
C CYS B 363 -11.25 -31.24 -4.10
N VAL B 364 -11.74 -32.33 -4.70
CA VAL B 364 -13.17 -32.49 -4.97
C VAL B 364 -14.02 -32.50 -3.70
N ARG B 365 -13.53 -33.18 -2.65
CA ARG B 365 -14.23 -33.22 -1.36
C ARG B 365 -14.54 -31.78 -0.89
N ASP B 366 -13.59 -30.88 -1.07
CA ASP B 366 -13.76 -29.50 -0.64
C ASP B 366 -14.87 -28.80 -1.45
N LEU B 367 -14.85 -28.96 -2.77
CA LEU B 367 -15.85 -28.34 -3.65
C LEU B 367 -17.24 -28.85 -3.30
N LEU B 368 -17.32 -30.15 -3.09
CA LEU B 368 -18.55 -30.77 -2.66
C LEU B 368 -19.07 -30.11 -1.38
N GLU B 369 -18.23 -29.95 -0.35
CA GLU B 369 -18.78 -29.44 0.90
C GLU B 369 -19.08 -27.93 0.81
N GLU B 370 -18.37 -27.23 -0.08
CA GLU B 370 -18.72 -25.86 -0.39
C GLU B 370 -20.13 -25.80 -0.95
N CYS B 371 -20.45 -26.75 -1.82
CA CYS B 371 -21.79 -26.84 -2.39
C CYS B 371 -22.84 -27.30 -1.38
N LYS B 372 -22.46 -28.18 -0.45
CA LYS B 372 -23.43 -28.72 0.50
C LYS B 372 -23.82 -27.66 1.51
N LYS B 373 -22.86 -26.81 1.85
CA LYS B 373 -23.14 -25.65 2.69
C LYS B 373 -24.22 -24.73 2.07
N ALA B 374 -24.33 -24.75 0.73
CA ALA B 374 -25.15 -23.77 0.02
C ALA B 374 -26.59 -24.15 -0.29
N VAL B 375 -26.96 -25.42 -0.17
CA VAL B 375 -28.17 -25.88 -0.81
C VAL B 375 -29.10 -26.66 0.10
N GLU B 376 -30.37 -26.75 -0.30
CA GLU B 376 -31.31 -27.61 0.40
C GLU B 376 -31.35 -28.98 -0.28
N LEU B 377 -31.05 -30.03 0.47
CA LEU B 377 -31.19 -31.38 -0.07
C LEU B 377 -32.62 -31.84 0.10
N GLY B 378 -32.94 -33.03 -0.41
CA GLY B 378 -34.31 -33.49 -0.33
C GLY B 378 -34.66 -34.28 0.92
N GLU B 379 -35.88 -34.05 1.43
CA GLU B 379 -36.67 -35.08 2.08
C GLU B 379 -35.89 -35.98 3.05
N LYS B 380 -35.91 -37.27 2.75
CA LYS B 380 -35.32 -38.34 3.52
C LYS B 380 -33.80 -38.42 3.40
N ALA B 381 -33.29 -37.89 2.28
CA ALA B 381 -32.23 -38.53 1.52
C ALA B 381 -30.83 -38.57 2.13
N SER B 382 -29.90 -39.06 1.30
CA SER B 382 -28.58 -39.53 1.70
C SER B 382 -27.73 -38.51 2.43
N GLY B 383 -27.83 -37.24 2.01
CA GLY B 383 -27.00 -36.19 2.58
C GLY B 383 -25.57 -36.37 2.10
N LYS B 384 -25.42 -37.12 1.03
CA LYS B 384 -24.14 -37.35 0.38
C LYS B 384 -24.21 -36.89 -1.07
N LEU B 385 -23.15 -36.22 -1.53
CA LEU B 385 -23.14 -35.63 -2.86
C LEU B 385 -22.10 -36.24 -3.77
N ARG B 386 -22.32 -36.13 -5.07
CA ARG B 386 -21.30 -36.48 -6.05
C ARG B 386 -21.14 -35.44 -7.14
N LEU B 387 -19.96 -35.46 -7.76
CA LEU B 387 -19.61 -34.62 -8.89
C LEU B 387 -19.50 -35.39 -10.20
N LEU B 388 -20.37 -35.07 -11.16
CA LEU B 388 -20.33 -35.64 -12.50
C LEU B 388 -19.69 -34.68 -13.51
N GLU B 389 -19.04 -35.26 -14.52
CA GLU B 389 -18.55 -34.48 -15.64
C GLU B 389 -19.34 -34.82 -16.91
N ILE B 390 -20.01 -33.79 -17.47
CA ILE B 390 -20.84 -34.01 -18.65
C ILE B 390 -20.26 -33.32 -19.90
N VAL B 391 -20.20 -34.05 -21.01
CA VAL B 391 -19.93 -33.44 -22.29
C VAL B 391 -20.99 -33.90 -23.29
N SER B 392 -21.63 -32.93 -23.95
CA SER B 392 -22.70 -33.18 -24.94
C SER B 392 -23.89 -33.97 -24.38
N TYR B 393 -24.31 -33.62 -23.16
CA TYR B 393 -25.46 -34.26 -22.49
C TYR B 393 -25.27 -35.77 -22.19
N LYS B 394 -24.00 -36.19 -22.14
CA LYS B 394 -23.65 -37.53 -21.64
C LYS B 394 -22.76 -37.39 -20.41
N ILE B 395 -22.90 -38.29 -19.44
CA ILE B 395 -21.93 -38.31 -18.35
C ILE B 395 -20.66 -39.03 -18.84
N ILE B 396 -19.54 -38.31 -18.89
CA ILE B 396 -18.28 -38.94 -19.28
C ILE B 396 -17.60 -39.59 -18.07
N GLY B 397 -17.93 -39.13 -16.86
CA GLY B 397 -17.42 -39.79 -15.67
C GLY B 397 -17.81 -39.21 -14.33
N VAL B 398 -17.73 -40.06 -13.30
CA VAL B 398 -17.92 -39.62 -11.92
C VAL B 398 -16.56 -39.30 -11.31
N HIS B 399 -16.49 -38.27 -10.48
CA HIS B 399 -15.21 -37.89 -9.92
C HIS B 399 -15.07 -38.28 -8.45
N GLN B 400 -13.89 -38.82 -8.14
CA GLN B 400 -13.51 -39.21 -6.80
C GLN B 400 -12.99 -38.01 -6.00
N GLU B 401 -13.24 -38.01 -4.70
CA GLU B 401 -12.82 -36.92 -3.81
C GLU B 401 -11.32 -36.75 -3.60
N ASP B 402 -10.52 -37.77 -3.87
CA ASP B 402 -9.07 -37.59 -3.79
C ASP B 402 -8.63 -36.49 -4.75
N GLU B 403 -9.27 -36.46 -5.94
CA GLU B 403 -8.77 -35.67 -7.07
C GLU B 403 -8.55 -34.22 -6.74
N LEU B 404 -7.36 -33.72 -7.08
CA LEU B 404 -7.08 -32.30 -6.93
C LEU B 404 -7.95 -31.49 -7.90
N LEU B 405 -8.39 -30.32 -7.47
CA LEU B 405 -9.18 -29.43 -8.32
C LEU B 405 -8.37 -28.93 -9.51
N GLU B 406 -7.04 -28.87 -9.35
CA GLU B 406 -6.16 -28.46 -10.44
C GLU B 406 -6.20 -29.42 -11.62
N CYS B 407 -6.85 -30.57 -11.44
CA CYS B 407 -6.86 -31.59 -12.46
C CYS B 407 -8.03 -31.43 -13.42
N LEU B 408 -8.85 -30.40 -13.20
CA LEU B 408 -10.06 -30.16 -14.00
C LEU B 408 -9.97 -28.85 -14.77
N SER B 409 -10.54 -28.82 -15.98
CA SER B 409 -10.60 -27.60 -16.78
C SER B 409 -11.99 -27.41 -17.40
N PRO B 410 -12.88 -26.67 -16.72
CA PRO B 410 -14.25 -26.50 -17.24
C PRO B 410 -14.24 -25.74 -18.57
N ALA B 411 -13.85 -26.44 -19.64
CA ALA B 411 -13.78 -25.84 -20.97
C ALA B 411 -15.13 -25.23 -21.33
N THR B 412 -16.18 -25.74 -20.68
CA THR B 412 -17.53 -25.20 -20.77
C THR B 412 -18.14 -25.00 -19.36
N SER B 413 -18.97 -23.96 -19.23
CA SER B 413 -19.62 -23.59 -17.96
C SER B 413 -20.55 -24.68 -17.41
N ARG B 414 -21.06 -25.49 -18.34
CA ARG B 414 -22.02 -26.57 -18.08
C ARG B 414 -21.36 -27.98 -18.01
N THR B 415 -20.02 -28.02 -18.06
CA THR B 415 -19.31 -29.28 -18.05
C THR B 415 -19.51 -30.06 -16.73
N PHE B 416 -19.55 -29.36 -15.59
CA PHE B 416 -19.57 -30.03 -14.29
C PHE B 416 -20.90 -29.93 -13.54
N ARG B 417 -21.32 -31.04 -12.95
CA ARG B 417 -22.59 -31.12 -12.26
C ARG B 417 -22.41 -31.67 -10.85
N ILE B 418 -23.02 -31.04 -9.86
CA ILE B 418 -23.06 -31.59 -8.52
C ILE B 418 -24.48 -32.03 -8.22
N GLU B 419 -24.64 -33.25 -7.73
CA GLU B 419 -25.98 -33.81 -7.48
C GLU B 419 -26.00 -34.66 -6.20
N GLU B 420 -27.16 -34.75 -5.56
CA GLU B 420 -27.30 -35.61 -4.38
C GLU B 420 -27.54 -37.05 -4.79
N ILE B 421 -26.77 -37.97 -4.21
CA ILE B 421 -26.88 -39.40 -4.51
C ILE B 421 -28.15 -40.06 -3.96
N PRO B 422 -28.96 -40.65 -4.86
CA PRO B 422 -30.22 -41.30 -4.45
C PRO B 422 -29.97 -42.42 -3.44
N LEU B 423 -31.02 -42.85 -2.73
CA LEU B 423 -30.83 -43.79 -1.63
C LEU B 423 -30.51 -45.19 -2.11
N ASP B 424 -31.10 -45.60 -3.22
CA ASP B 424 -30.80 -46.93 -3.73
C ASP B 424 -29.35 -47.03 -4.20
N GLN B 425 -28.71 -45.90 -4.50
CA GLN B 425 -27.37 -45.95 -5.07
C GLN B 425 -26.22 -45.74 -4.06
N VAL B 426 -26.55 -45.46 -2.80
CA VAL B 426 -25.55 -45.07 -1.78
C VAL B 426 -24.42 -46.08 -1.61
N ASP B 427 -24.71 -47.24 -1.04
CA ASP B 427 -23.80 -48.35 -1.23
C ASP B 427 -24.52 -49.52 -1.88
N ILE B 428 -24.17 -49.67 -3.14
CA ILE B 428 -24.75 -50.60 -4.08
C ILE B 428 -24.32 -52.02 -3.70
N ASP B 429 -25.15 -53.03 -3.96
CA ASP B 429 -24.70 -54.39 -3.68
C ASP B 429 -23.79 -54.82 -4.83
N LYS B 430 -22.52 -55.00 -4.51
CA LYS B 430 -21.44 -54.89 -5.49
C LYS B 430 -21.39 -56.09 -6.42
N GLU B 431 -21.86 -57.24 -5.94
CA GLU B 431 -21.84 -58.43 -6.77
C GLU B 431 -22.98 -58.51 -7.78
N ASN B 432 -24.21 -58.30 -7.33
CA ASN B 432 -25.37 -58.50 -8.20
C ASN B 432 -26.02 -57.24 -8.84
N GLU B 433 -25.46 -56.05 -8.64
CA GLU B 433 -26.00 -54.84 -9.33
C GLU B 433 -24.93 -53.76 -9.64
N MET B 434 -25.23 -52.87 -10.58
CA MET B 434 -24.29 -51.79 -10.95
C MET B 434 -24.97 -50.48 -11.37
N LEU B 435 -24.18 -49.40 -11.40
CA LEU B 435 -24.61 -48.12 -11.95
C LEU B 435 -24.20 -48.00 -13.43
N VAL B 436 -25.10 -47.43 -14.22
CA VAL B 436 -24.84 -47.19 -15.63
C VAL B 436 -25.16 -45.73 -15.94
N THR B 437 -24.43 -45.11 -16.85
CA THR B 437 -24.80 -43.76 -17.28
C THR B 437 -25.85 -43.87 -18.34
N VAL B 438 -26.81 -42.96 -18.30
CA VAL B 438 -27.91 -42.94 -19.24
C VAL B 438 -28.03 -41.57 -19.91
N ALA B 439 -28.25 -41.59 -21.22
CA ALA B 439 -28.41 -40.37 -21.98
C ALA B 439 -29.52 -40.51 -23.02
N HIS B 440 -30.13 -39.38 -23.34
CA HIS B 440 -31.12 -39.30 -24.42
C HIS B 440 -30.42 -38.97 -25.76
N PHE B 441 -30.85 -39.66 -26.81
CA PHE B 441 -30.46 -39.46 -28.22
C PHE B 441 -31.71 -39.83 -29.00
N HIS B 442 -31.85 -39.48 -30.27
CA HIS B 442 -32.89 -40.19 -31.04
C HIS B 442 -32.53 -40.65 -32.47
N LYS B 443 -32.21 -39.77 -33.43
CA LYS B 443 -31.76 -40.41 -34.68
C LYS B 443 -30.53 -41.31 -34.45
N GLU B 444 -29.40 -40.65 -34.19
CA GLU B 444 -28.12 -41.32 -34.00
C GLU B 444 -27.70 -41.24 -32.53
N VAL B 445 -26.58 -41.87 -32.18
CA VAL B 445 -26.10 -41.83 -30.80
C VAL B 445 -25.13 -40.66 -30.56
N PHE B 446 -24.94 -39.84 -31.59
CA PHE B 446 -24.25 -38.56 -31.45
C PHE B 446 -25.30 -37.46 -31.28
N GLY B 447 -26.57 -37.85 -31.37
CA GLY B 447 -27.71 -36.94 -31.37
C GLY B 447 -28.22 -36.58 -30.00
N THR B 448 -27.34 -36.63 -29.01
CA THR B 448 -27.72 -36.53 -27.61
C THR B 448 -28.28 -35.18 -27.15
N PHE B 449 -29.19 -35.24 -26.18
CA PHE B 449 -29.84 -34.08 -25.61
C PHE B 449 -30.34 -34.36 -24.20
N GLY B 450 -30.92 -33.34 -23.56
CA GLY B 450 -31.55 -33.51 -22.26
C GLY B 450 -30.60 -33.62 -21.10
N ILE B 451 -31.16 -33.91 -19.93
CA ILE B 451 -30.41 -34.20 -18.70
C ILE B 451 -30.08 -35.70 -18.51
N PRO B 452 -28.79 -36.06 -18.56
CA PRO B 452 -28.32 -37.45 -18.36
C PRO B 452 -28.31 -37.86 -16.88
N PHE B 453 -28.23 -39.15 -16.60
CA PHE B 453 -28.30 -39.57 -15.20
C PHE B 453 -27.72 -40.94 -14.93
N LEU B 454 -27.43 -41.21 -13.65
CA LEU B 454 -26.96 -42.53 -13.26
C LEU B 454 -28.11 -43.41 -12.83
N LEU B 455 -28.16 -44.61 -13.37
CA LEU B 455 -29.23 -45.55 -13.03
C LEU B 455 -28.68 -46.86 -12.47
N ARG B 456 -29.36 -47.41 -11.47
CA ARG B 456 -29.02 -48.74 -10.91
C ARG B 456 -29.72 -49.87 -11.68
N ILE B 457 -28.97 -50.88 -12.09
CA ILE B 457 -29.59 -52.03 -12.73
C ILE B 457 -29.11 -53.31 -12.05
N HIS B 458 -29.95 -54.33 -12.10
CA HIS B 458 -29.83 -55.48 -11.22
C HIS B 458 -29.69 -56.76 -12.04
N GLN B 459 -28.85 -57.69 -11.56
CA GLN B 459 -28.56 -58.92 -12.29
C GLN B 459 -29.75 -59.84 -12.24
N GLY B 460 -30.15 -60.34 -13.40
CA GLY B 460 -31.25 -61.29 -13.50
C GLY B 460 -32.59 -60.56 -13.48
N GLU B 461 -32.55 -59.33 -12.95
CA GLU B 461 -33.68 -58.42 -12.97
C GLU B 461 -34.15 -58.28 -14.41
N HIS B 462 -35.43 -58.03 -14.61
CA HIS B 462 -35.89 -57.86 -15.97
C HIS B 462 -36.40 -56.44 -16.29
N PHE B 463 -36.20 -56.10 -17.55
CA PHE B 463 -36.27 -54.76 -18.09
C PHE B 463 -37.51 -53.94 -17.81
N ARG B 464 -38.65 -54.57 -17.57
CA ARG B 464 -39.86 -53.77 -17.50
C ARG B 464 -39.81 -52.88 -16.26
N GLU B 465 -39.21 -53.36 -15.18
CA GLU B 465 -39.15 -52.57 -13.95
C GLU B 465 -37.90 -51.67 -13.95
N VAL B 466 -37.02 -51.91 -14.92
CA VAL B 466 -35.99 -50.95 -15.29
C VAL B 466 -36.66 -49.74 -15.95
N MET B 467 -37.55 -50.02 -16.91
CA MET B 467 -38.35 -49.01 -17.57
C MET B 467 -39.20 -48.25 -16.54
N LYS B 468 -39.65 -48.95 -15.50
CA LYS B 468 -40.43 -48.32 -14.43
C LYS B 468 -39.56 -47.41 -13.55
N ARG B 469 -38.32 -47.87 -13.27
CA ARG B 469 -37.39 -47.07 -12.48
C ARG B 469 -37.03 -45.78 -13.21
N ILE B 470 -36.79 -45.91 -14.51
CA ILE B 470 -36.64 -44.75 -15.38
C ILE B 470 -37.88 -43.85 -15.33
N GLN B 471 -39.06 -44.45 -15.47
CA GLN B 471 -40.35 -43.75 -15.39
C GLN B 471 -40.46 -42.82 -14.19
N SER B 472 -40.40 -43.38 -12.98
CA SER B 472 -40.63 -42.60 -11.75
C SER B 472 -39.77 -41.35 -11.66
N LEU B 473 -38.53 -41.42 -12.16
CA LEU B 473 -37.61 -40.28 -12.16
C LEU B 473 -37.84 -39.29 -13.31
N LEU B 474 -38.29 -39.80 -14.45
CA LEU B 474 -38.32 -39.03 -15.69
C LEU B 474 -39.61 -38.22 -15.91
N ASP B 475 -40.37 -37.94 -14.84
CA ASP B 475 -41.08 -36.66 -14.86
C ASP B 475 -42.34 -36.67 -15.74
N ILE B 476 -42.42 -37.62 -16.67
CA ILE B 476 -43.46 -37.52 -17.68
C ILE B 476 -44.27 -38.80 -17.81
N GLN B 477 -45.28 -38.78 -18.67
CA GLN B 477 -46.27 -39.83 -18.63
C GLN B 477 -46.23 -40.74 -19.90
N GLU B 478 -47.10 -41.74 -19.90
CA GLU B 478 -46.85 -43.05 -20.50
C GLU B 478 -46.83 -43.09 -22.03
N LYS B 479 -47.50 -42.11 -22.62
CA LYS B 479 -47.72 -42.01 -24.06
C LYS B 479 -46.42 -41.98 -24.89
N GLU B 480 -45.72 -40.86 -24.82
CA GLU B 480 -44.45 -40.94 -25.52
C GLU B 480 -43.26 -41.17 -24.62
N PHE B 481 -43.51 -41.64 -23.39
CA PHE B 481 -42.57 -42.61 -22.85
C PHE B 481 -42.66 -43.92 -23.66
N GLU B 482 -43.80 -44.16 -24.31
CA GLU B 482 -43.95 -45.32 -25.18
C GLU B 482 -43.26 -45.07 -26.51
N LYS B 483 -43.14 -43.81 -26.88
CA LYS B 483 -42.24 -43.52 -28.03
C LYS B 483 -40.82 -44.12 -27.85
N PHE B 484 -40.32 -44.08 -26.62
CA PHE B 484 -38.97 -44.51 -26.27
C PHE B 484 -38.66 -45.91 -26.81
N LYS B 485 -37.49 -46.06 -27.43
CA LYS B 485 -36.93 -47.37 -27.72
C LYS B 485 -35.56 -47.35 -27.03
N PHE B 486 -35.19 -48.40 -26.31
CA PHE B 486 -34.03 -48.31 -25.42
C PHE B 486 -32.84 -49.06 -25.99
N ALA B 487 -31.66 -48.47 -25.93
CA ALA B 487 -30.49 -49.12 -26.51
C ALA B 487 -29.34 -49.34 -25.52
N ILE B 488 -28.49 -50.31 -25.84
CA ILE B 488 -27.17 -50.40 -25.22
C ILE B 488 -26.16 -49.85 -26.22
N VAL B 489 -25.35 -48.91 -25.75
CA VAL B 489 -24.44 -48.18 -26.62
C VAL B 489 -23.00 -48.42 -26.24
N MET B 490 -22.18 -48.77 -27.23
CA MET B 490 -20.74 -48.63 -27.00
C MET B 490 -20.05 -48.05 -28.22
N MET B 491 -19.32 -46.95 -27.96
CA MET B 491 -18.60 -46.21 -28.96
C MET B 491 -19.47 -45.97 -30.19
N GLY B 492 -19.00 -46.51 -31.30
CA GLY B 492 -19.66 -46.40 -32.58
C GLY B 492 -21.13 -46.76 -32.56
N ARG B 493 -21.47 -47.94 -32.05
CA ARG B 493 -22.86 -48.29 -32.31
C ARG B 493 -23.56 -48.99 -31.14
N HIS B 494 -24.84 -49.22 -31.39
CA HIS B 494 -25.88 -49.44 -30.42
C HIS B 494 -26.62 -50.71 -30.81
N GLN B 495 -27.42 -51.25 -29.90
CA GLN B 495 -28.55 -52.01 -30.39
C GLN B 495 -29.66 -51.93 -29.36
N TYR B 496 -30.89 -52.03 -29.85
CA TYR B 496 -32.08 -51.72 -29.07
C TYR B 496 -32.57 -52.90 -28.28
N ILE B 497 -32.63 -52.78 -26.96
CA ILE B 497 -33.01 -53.92 -26.13
C ILE B 497 -34.36 -54.48 -26.52
N ASN B 498 -34.49 -55.80 -26.55
CA ASN B 498 -35.80 -56.39 -26.69
C ASN B 498 -36.59 -55.80 -25.53
N GLU B 499 -37.64 -55.05 -25.84
CA GLU B 499 -38.38 -54.42 -24.77
C GLU B 499 -39.14 -55.45 -23.99
N ASP B 500 -39.35 -56.64 -24.59
CA ASP B 500 -39.46 -57.88 -23.83
C ASP B 500 -39.60 -59.14 -24.71
N GLU B 501 -39.11 -60.27 -24.20
CA GLU B 501 -38.34 -60.22 -22.96
C GLU B 501 -36.87 -60.50 -22.92
N TYR B 502 -36.16 -59.47 -22.47
CA TYR B 502 -34.74 -59.49 -22.14
C TYR B 502 -34.61 -59.30 -20.63
N GLU B 503 -33.92 -60.24 -19.97
CA GLU B 503 -33.68 -60.13 -18.54
C GLU B 503 -32.29 -59.56 -18.33
N VAL B 504 -32.16 -58.54 -17.47
CA VAL B 504 -30.90 -57.80 -17.38
C VAL B 504 -29.69 -58.68 -17.03
N ASN B 505 -28.71 -58.71 -17.93
CA ASN B 505 -27.45 -59.41 -17.64
C ASN B 505 -26.33 -58.40 -17.43
N LEU B 506 -25.88 -58.28 -16.18
CA LEU B 506 -25.16 -57.08 -15.74
C LEU B 506 -24.18 -56.60 -16.74
N LYS B 507 -23.32 -57.48 -17.19
CA LYS B 507 -22.43 -56.92 -18.14
C LYS B 507 -22.59 -57.48 -19.56
N ASP B 508 -23.71 -56.95 -20.08
CA ASP B 508 -23.94 -56.55 -21.43
C ASP B 508 -23.49 -55.09 -21.36
N PHE B 509 -23.37 -54.62 -20.09
CA PHE B 509 -22.87 -53.30 -19.73
C PHE B 509 -21.45 -53.12 -19.16
N GLU B 510 -20.70 -54.19 -18.83
CA GLU B 510 -19.27 -53.94 -18.50
C GLU B 510 -18.39 -53.79 -19.73
N PRO B 511 -17.30 -53.01 -19.58
CA PRO B 511 -16.30 -52.88 -20.63
C PRO B 511 -15.47 -54.15 -20.77
N GLN B 512 -14.57 -54.16 -21.73
CA GLN B 512 -13.59 -55.22 -21.83
C GLN B 512 -12.95 -55.40 -20.46
N PRO B 513 -12.90 -56.64 -19.95
CA PRO B 513 -12.38 -56.86 -18.60
C PRO B 513 -10.96 -56.33 -18.49
N GLY B 514 -10.70 -55.54 -17.45
CA GLY B 514 -9.40 -54.93 -17.25
C GLY B 514 -9.32 -53.49 -17.74
N ASN B 515 -10.24 -53.10 -18.61
CA ASN B 515 -10.16 -51.76 -19.19
C ASN B 515 -11.15 -50.78 -18.54
N MET B 516 -10.57 -49.81 -17.83
CA MET B 516 -11.28 -48.82 -17.04
C MET B 516 -11.29 -47.46 -17.73
N SER B 517 -10.08 -46.99 -18.03
CA SER B 517 -9.82 -45.67 -18.59
C SER B 517 -10.80 -45.31 -19.72
N HIS B 518 -11.00 -46.21 -20.67
CA HIS B 518 -11.96 -45.93 -21.71
C HIS B 518 -13.40 -45.90 -21.17
N PRO B 519 -14.22 -44.94 -21.67
CA PRO B 519 -15.64 -44.83 -21.30
C PRO B 519 -16.48 -46.11 -21.48
N ARG B 520 -17.28 -46.38 -20.47
CA ARG B 520 -18.09 -47.58 -20.38
C ARG B 520 -19.22 -47.63 -21.43
N PRO B 521 -19.80 -48.82 -21.67
CA PRO B 521 -21.09 -48.85 -22.37
C PRO B 521 -22.12 -48.03 -21.60
N TRP B 522 -23.15 -47.54 -22.27
CA TRP B 522 -24.17 -46.79 -21.56
C TRP B 522 -25.56 -47.10 -22.07
N LEU B 523 -26.57 -46.77 -21.28
CA LEU B 523 -27.95 -46.99 -21.69
C LEU B 523 -28.45 -45.76 -22.43
N GLY B 524 -28.73 -45.91 -23.73
CA GLY B 524 -29.37 -44.85 -24.48
C GLY B 524 -30.90 -44.86 -24.45
N LEU B 525 -31.48 -43.66 -24.47
CA LEU B 525 -32.91 -43.48 -24.61
C LEU B 525 -33.23 -42.84 -25.96
N ASP B 526 -33.96 -43.57 -26.79
CA ASP B 526 -34.38 -43.09 -28.09
C ASP B 526 -35.77 -42.41 -27.95
N HIS B 527 -35.79 -41.06 -28.02
CA HIS B 527 -37.01 -40.25 -28.17
C HIS B 527 -36.65 -38.82 -28.70
N PHE B 528 -37.60 -38.06 -29.32
CA PHE B 528 -37.43 -36.61 -29.70
C PHE B 528 -38.08 -35.59 -28.68
N ASN B 529 -37.98 -34.28 -28.94
CA ASN B 529 -38.38 -33.21 -28.00
C ASN B 529 -39.57 -32.32 -28.36
#